data_6YIZ
#
_entry.id   6YIZ
#
_cell.length_a   109.810
_cell.length_b   120.650
_cell.length_c   113.190
_cell.angle_alpha   90.000
_cell.angle_beta   90.000
_cell.angle_gamma   90.000
#
_symmetry.space_group_name_H-M   'C 2 2 21'
#
loop_
_entity.id
_entity.type
_entity.pdbx_description
1 polymer 'Transcriptional regulator MvfR'
2 non-polymer '7-oxidanylidene-8-[2-(4-sulfonaphthalen-1-yl)hydrazinyl]-8~{H}-naphthalene-1,3-disulfonic acid'
3 non-polymer ~{N}-[[1-(4-phenoxyphenyl)-1,2,3-triazol-4-yl]methyl]-2-(trifluoromethyl)pyridin-4-amine
4 non-polymer 'MAGNESIUM ION'
5 water water
#
_entity_poly.entity_id   1
_entity_poly.type   'polypeptide(L)'
_entity_poly.pdbx_seq_one_letter_code
;GPRNLRVLLDTAIPPSFCDTVSSVLLDDFNMVSLIRTSPADSLATIKQDNAEIDIAITIDEELKISRFNQCVLGYTKAFV
VAHPQHPLCNASLHSIASLANYRQISLGSRSGQHSNLLRPVSDKVLFVENFDDMLRLVEAGVGWGIAPHYFVEERLRNGT
LAVLSELYEPGGIDTKVYCYYNTALESERSFLRFLESARQRLRELGRQRFDDAPAWQPSIVETAQRRSG
;
_entity_poly.pdbx_strand_id   A,B
#
# COMPACT_ATOMS: atom_id res chain seq x y z
N GLY A 1 22.88 8.46 -17.28
CA GLY A 1 21.99 9.61 -17.35
C GLY A 1 21.16 9.60 -18.63
N PRO A 2 20.66 10.76 -19.06
CA PRO A 2 19.79 10.79 -20.27
C PRO A 2 20.40 10.29 -21.60
N ARG A 3 21.74 10.33 -21.78
CA ARG A 3 22.39 9.89 -23.02
C ARG A 3 21.68 8.66 -23.60
N ASN A 4 21.66 7.59 -22.81
CA ASN A 4 20.90 6.36 -23.07
C ASN A 4 20.12 6.09 -21.78
N LEU A 5 18.85 6.52 -21.72
CA LEU A 5 17.99 6.14 -20.61
C LEU A 5 17.69 4.66 -20.71
N ARG A 6 18.09 3.87 -19.70
CA ARG A 6 17.79 2.45 -19.61
C ARG A 6 16.80 2.28 -18.49
N VAL A 7 15.61 1.75 -18.82
CA VAL A 7 14.50 1.68 -17.88
C VAL A 7 14.06 0.25 -17.68
N LEU A 8 13.84 -0.13 -16.43
CA LEU A 8 13.50 -1.52 -16.09
C LEU A 8 12.06 -1.50 -15.61
N LEU A 9 11.25 -2.44 -16.09
CA LEU A 9 9.83 -2.43 -15.77
C LEU A 9 9.46 -3.85 -15.41
N ASP A 10 8.93 -4.10 -14.19
CA ASP A 10 8.79 -5.53 -13.91
C ASP A 10 7.55 -6.08 -14.62
N THR A 11 7.41 -7.42 -14.62
CA THR A 11 6.32 -8.08 -15.29
C THR A 11 4.98 -7.95 -14.58
N ALA A 12 4.91 -7.25 -13.45
CA ALA A 12 3.61 -7.04 -12.80
C ALA A 12 2.97 -5.74 -13.26
N ILE A 13 3.76 -4.81 -13.79
CA ILE A 13 3.26 -3.61 -14.48
C ILE A 13 2.48 -4.07 -15.69
N PRO A 14 1.29 -3.55 -15.97
CA PRO A 14 0.53 -4.08 -17.10
C PRO A 14 0.89 -3.37 -18.39
N PRO A 15 0.52 -3.96 -19.52
CA PRO A 15 1.05 -3.50 -20.82
C PRO A 15 0.75 -2.06 -21.10
N SER A 16 -0.53 -1.70 -20.94
CA SER A 16 -1.04 -0.33 -20.84
C SER A 16 -0.26 0.63 -19.95
N PHE A 17 0.21 0.10 -18.84
CA PHE A 17 1.01 0.94 -17.94
C PHE A 17 2.39 1.14 -18.56
N CYS A 18 2.96 0.04 -19.05
CA CYS A 18 4.28 0.09 -19.65
C CYS A 18 4.28 1.00 -20.85
N ASP A 19 3.39 0.71 -21.79
CA ASP A 19 3.36 1.44 -23.06
C ASP A 19 3.14 2.91 -22.82
N THR A 20 2.40 3.29 -21.76
CA THR A 20 2.23 4.70 -21.38
C THR A 20 3.57 5.33 -20.91
N VAL A 21 4.21 4.70 -19.91
CA VAL A 21 5.54 5.11 -19.47
C VAL A 21 6.50 5.22 -20.66
N SER A 22 6.39 4.32 -21.64
CA SER A 22 7.25 4.42 -22.83
C SER A 22 6.97 5.72 -23.60
N SER A 23 5.69 6.05 -23.84
CA SER A 23 5.41 7.25 -24.60
C SER A 23 6.11 8.41 -23.98
N VAL A 24 5.85 8.62 -22.70
CA VAL A 24 6.32 9.84 -22.10
C VAL A 24 7.84 9.90 -22.14
N LEU A 25 8.50 8.77 -21.93
CA LEU A 25 9.95 8.85 -21.90
C LEU A 25 10.47 9.30 -23.28
N LEU A 26 10.02 8.63 -24.34
CA LEU A 26 10.47 8.95 -25.69
C LEU A 26 10.11 10.36 -26.10
N ASP A 27 9.15 10.98 -25.41
CA ASP A 27 8.73 12.35 -25.69
C ASP A 27 9.65 13.35 -25.01
N ASP A 28 10.17 13.01 -23.82
CA ASP A 28 11.00 13.90 -23.01
C ASP A 28 12.49 13.57 -23.03
N PHE A 29 12.85 12.30 -23.20
CA PHE A 29 14.21 11.80 -23.35
C PHE A 29 14.42 11.34 -24.78
N ASN A 30 15.65 11.09 -25.17
CA ASN A 30 15.84 10.80 -26.57
C ASN A 30 16.67 9.59 -26.90
N MET A 31 17.12 8.82 -25.94
CA MET A 31 17.39 7.43 -26.29
C MET A 31 16.83 6.62 -25.17
N VAL A 32 16.06 5.60 -25.49
CA VAL A 32 15.36 4.86 -24.47
C VAL A 32 15.46 3.38 -24.77
N SER A 33 15.71 2.59 -23.74
CA SER A 33 15.96 1.17 -23.88
C SER A 33 15.32 0.52 -22.68
N LEU A 34 14.65 -0.61 -22.90
CA LEU A 34 13.78 -1.13 -21.88
C LEU A 34 14.20 -2.51 -21.47
N ILE A 35 14.04 -2.78 -20.19
CA ILE A 35 14.43 -4.04 -19.57
C ILE A 35 13.23 -4.53 -18.77
N ARG A 36 13.01 -5.84 -18.79
CA ARG A 36 11.90 -6.47 -18.11
C ARG A 36 12.38 -7.57 -17.17
N THR A 37 11.94 -7.52 -15.92
CA THR A 37 12.24 -8.58 -14.97
C THR A 37 11.01 -8.88 -14.12
N SER A 38 10.94 -10.06 -13.54
CA SER A 38 9.84 -10.30 -12.63
C SER A 38 10.01 -9.36 -11.46
N PRO A 39 8.95 -9.11 -10.69
CA PRO A 39 9.13 -8.29 -9.50
C PRO A 39 10.22 -8.81 -8.56
N ALA A 40 10.53 -10.11 -8.61
CA ALA A 40 11.58 -10.64 -7.73
C ALA A 40 12.90 -9.92 -7.95
N ASP A 41 13.26 -9.68 -9.19
CA ASP A 41 14.60 -9.25 -9.51
C ASP A 41 14.70 -7.80 -9.90
N SER A 42 13.63 -7.03 -9.77
CA SER A 42 13.74 -5.61 -10.11
C SER A 42 14.87 -5.02 -9.29
N LEU A 43 14.71 -4.97 -7.97
CA LEU A 43 15.68 -4.22 -7.17
C LEU A 43 17.08 -4.86 -7.25
N ALA A 44 17.16 -6.19 -7.32
CA ALA A 44 18.48 -6.82 -7.45
C ALA A 44 19.21 -6.32 -8.68
N THR A 45 18.53 -6.32 -9.83
CA THR A 45 19.13 -5.90 -11.08
C THR A 45 19.68 -4.48 -11.06
N ILE A 46 18.96 -3.55 -10.45
CA ILE A 46 19.40 -2.16 -10.56
C ILE A 46 20.56 -1.90 -9.63
N LYS A 47 20.78 -2.80 -8.66
CA LYS A 47 21.80 -2.58 -7.64
C LYS A 47 23.18 -2.98 -8.15
N GLN A 48 23.25 -4.04 -8.95
CA GLN A 48 24.49 -4.29 -9.67
C GLN A 48 24.88 -3.00 -10.37
N ASP A 49 25.94 -2.32 -9.92
CA ASP A 49 26.46 -1.18 -10.68
C ASP A 49 26.70 -1.57 -12.14
N ASN A 50 26.82 -2.88 -12.41
CA ASN A 50 26.96 -3.37 -13.77
C ASN A 50 25.86 -2.88 -14.68
N ALA A 51 24.62 -2.93 -14.21
CA ALA A 51 23.46 -2.78 -15.07
C ALA A 51 23.16 -1.35 -15.51
N GLU A 52 23.89 -0.35 -15.06
CA GLU A 52 23.73 1.03 -15.55
C GLU A 52 22.26 1.37 -15.85
N ILE A 53 21.37 1.05 -14.90
CA ILE A 53 19.93 1.26 -15.09
C ILE A 53 19.53 2.58 -14.49
N ASP A 54 18.97 3.48 -15.32
CA ASP A 54 18.64 4.81 -14.85
C ASP A 54 17.32 4.87 -14.09
N ILE A 55 16.26 4.20 -14.58
CA ILE A 55 14.94 4.28 -13.96
C ILE A 55 14.40 2.87 -13.84
N ALA A 56 13.64 2.63 -12.78
CA ALA A 56 13.10 1.29 -12.58
C ALA A 56 11.69 1.43 -12.05
N ILE A 57 10.77 0.65 -12.60
CA ILE A 57 9.35 0.82 -12.36
C ILE A 57 8.88 -0.51 -11.85
N THR A 58 8.55 -0.59 -10.56
CA THR A 58 8.38 -1.93 -10.00
C THR A 58 7.44 -1.85 -8.82
N ILE A 59 6.79 -2.97 -8.52
CA ILE A 59 5.93 -2.94 -7.35
C ILE A 59 6.72 -3.15 -6.06
N ASP A 60 7.93 -3.72 -6.15
CA ASP A 60 8.70 -4.11 -4.97
C ASP A 60 9.21 -2.89 -4.24
N GLU A 61 9.07 -2.87 -2.91
CA GLU A 61 9.48 -1.74 -2.09
C GLU A 61 10.78 -2.14 -1.39
N GLU A 62 11.78 -1.28 -1.50
CA GLU A 62 12.93 -1.26 -0.61
C GLU A 62 13.08 0.21 -0.26
N LEU A 63 12.76 0.57 1.00
CA LEU A 63 12.79 1.95 1.48
C LEU A 63 13.94 2.82 0.94
N LYS A 64 15.17 2.31 0.98
CA LYS A 64 16.33 3.04 0.45
C LYS A 64 17.34 2.09 -0.18
N ILE A 65 17.60 2.31 -1.47
CA ILE A 65 18.63 1.63 -2.23
C ILE A 65 19.81 2.57 -2.34
N SER A 66 21.01 2.01 -2.48
CA SER A 66 22.21 2.84 -2.62
C SER A 66 21.89 4.05 -3.50
N ARG A 67 22.12 3.92 -4.79
CA ARG A 67 22.20 5.12 -5.60
C ARG A 67 20.84 5.70 -5.97
N PHE A 68 19.72 5.20 -5.42
CA PHE A 68 18.42 5.42 -6.03
C PHE A 68 17.40 6.10 -5.12
N ASN A 69 16.61 6.97 -5.74
CA ASN A 69 15.47 7.65 -5.15
C ASN A 69 14.16 6.91 -5.46
N GLN A 70 13.10 7.25 -4.73
CA GLN A 70 11.87 6.44 -4.69
C GLN A 70 10.77 7.45 -4.86
N CYS A 71 9.80 7.17 -5.72
CA CYS A 71 8.56 7.94 -5.69
C CYS A 71 7.50 6.97 -6.13
N VAL A 72 6.25 7.39 -6.06
CA VAL A 72 5.12 6.53 -6.37
C VAL A 72 4.54 7.03 -7.67
N LEU A 73 4.59 6.19 -8.69
CA LEU A 73 4.21 6.55 -10.05
C LEU A 73 2.75 6.28 -10.33
N GLY A 74 2.19 5.18 -9.80
CA GLY A 74 0.76 4.99 -9.87
C GLY A 74 0.43 3.71 -9.11
N TYR A 75 -0.67 3.05 -9.48
CA TYR A 75 -1.21 1.93 -8.74
C TYR A 75 -1.63 0.88 -9.73
N THR A 76 -1.72 -0.34 -9.24
CA THR A 76 -2.09 -1.48 -10.08
C THR A 76 -2.66 -2.51 -9.10
N LYS A 77 -3.33 -3.51 -9.65
CA LYS A 77 -4.28 -4.35 -8.92
C LYS A 77 -3.92 -5.79 -9.17
N ALA A 78 -3.84 -6.58 -8.12
CA ALA A 78 -3.41 -7.98 -8.25
C ALA A 78 -4.39 -8.85 -7.47
N PHE A 79 -4.59 -10.09 -7.92
CA PHE A 79 -5.62 -10.98 -7.41
C PHE A 79 -5.06 -12.30 -6.86
N VAL A 80 -5.59 -12.76 -5.71
CA VAL A 80 -5.34 -14.14 -5.28
C VAL A 80 -6.25 -15.05 -6.07
N VAL A 81 -5.68 -16.00 -6.82
CA VAL A 81 -6.41 -16.95 -7.65
C VAL A 81 -6.09 -18.41 -7.30
N ALA A 82 -7.06 -19.28 -7.63
CA ALA A 82 -6.89 -20.72 -7.52
C ALA A 82 -7.71 -21.41 -8.61
N HIS A 83 -7.62 -22.72 -8.66
CA HIS A 83 -8.49 -23.43 -9.59
C HIS A 83 -9.89 -23.55 -9.00
N PRO A 84 -10.94 -23.39 -9.85
CA PRO A 84 -12.31 -23.32 -9.30
C PRO A 84 -12.71 -24.44 -8.36
N GLN A 85 -12.24 -25.68 -8.55
CA GLN A 85 -12.52 -26.75 -7.58
C GLN A 85 -11.43 -26.89 -6.53
N HIS A 86 -10.48 -25.97 -6.50
CA HIS A 86 -9.59 -25.92 -5.37
C HIS A 86 -10.39 -25.76 -4.08
N PRO A 87 -9.91 -26.36 -2.99
CA PRO A 87 -10.66 -26.31 -1.72
C PRO A 87 -10.92 -24.93 -1.17
N LEU A 88 -10.19 -23.93 -1.57
CA LEU A 88 -10.41 -22.63 -0.97
C LEU A 88 -11.53 -21.88 -1.66
N CYS A 89 -12.07 -22.44 -2.74
CA CYS A 89 -13.36 -22.04 -3.27
C CYS A 89 -14.48 -22.81 -2.60
N ASN A 90 -14.27 -24.11 -2.34
CA ASN A 90 -15.19 -24.86 -1.48
C ASN A 90 -15.62 -23.90 -0.37
N ALA A 91 -14.66 -23.51 0.48
CA ALA A 91 -14.96 -22.55 1.52
C ALA A 91 -15.54 -21.30 0.87
N SER A 92 -16.64 -20.81 1.42
CA SER A 92 -17.13 -19.50 1.02
C SER A 92 -16.16 -18.40 1.44
N LEU A 93 -15.52 -18.56 2.60
CA LEU A 93 -14.84 -17.48 3.30
C LEU A 93 -13.35 -17.75 3.41
N HIS A 94 -12.57 -16.67 3.53
CA HIS A 94 -11.13 -16.76 3.68
C HIS A 94 -10.59 -15.73 4.64
N SER A 95 -9.61 -16.17 5.43
CA SER A 95 -8.64 -15.33 6.10
C SER A 95 -7.26 -15.67 5.53
N ILE A 96 -6.26 -14.90 5.94
CA ILE A 96 -4.90 -15.14 5.49
C ILE A 96 -4.31 -16.42 6.09
N ALA A 97 -5.04 -17.07 6.98
CA ALA A 97 -4.57 -18.36 7.48
C ALA A 97 -5.25 -19.52 6.78
N SER A 98 -6.53 -19.40 6.45
CA SER A 98 -7.15 -20.38 5.55
C SER A 98 -6.26 -20.62 4.34
N LEU A 99 -5.53 -19.60 3.91
CA LEU A 99 -4.62 -19.77 2.80
C LEU A 99 -3.36 -20.51 3.22
N ALA A 100 -2.67 -20.00 4.23
CA ALA A 100 -1.34 -20.54 4.56
C ALA A 100 -1.37 -22.02 4.88
N ASN A 101 -2.54 -22.64 4.96
CA ASN A 101 -2.66 -24.09 5.03
C ASN A 101 -2.75 -24.72 3.65
N TYR A 102 -2.21 -24.09 2.62
CA TYR A 102 -2.29 -24.70 1.30
C TYR A 102 -1.07 -24.27 0.51
N ARG A 103 -0.84 -24.98 -0.60
CA ARG A 103 0.37 -24.73 -1.38
CA ARG A 103 0.36 -24.75 -1.40
C ARG A 103 0.23 -23.42 -2.15
N GLN A 104 1.12 -22.49 -1.86
CA GLN A 104 1.18 -21.25 -2.59
C GLN A 104 2.20 -21.44 -3.70
N ILE A 105 1.85 -21.02 -4.91
CA ILE A 105 2.79 -20.94 -6.03
C ILE A 105 3.28 -19.51 -6.07
N SER A 106 4.57 -19.32 -5.82
CA SER A 106 5.10 -18.01 -5.52
C SER A 106 6.26 -17.65 -6.45
N LEU A 107 6.34 -16.38 -6.80
CA LEU A 107 7.48 -15.93 -7.56
C LEU A 107 8.74 -16.16 -6.77
N GLY A 108 9.82 -16.51 -7.46
CA GLY A 108 11.10 -16.64 -6.80
C GLY A 108 12.17 -15.76 -7.41
N SER A 109 13.27 -15.55 -6.69
CA SER A 109 14.40 -14.77 -7.18
C SER A 109 15.54 -15.69 -7.55
N ARG A 110 16.46 -15.19 -8.38
CA ARG A 110 17.72 -15.89 -8.60
C ARG A 110 18.55 -15.92 -7.32
N SER A 111 18.47 -14.83 -6.53
CA SER A 111 19.12 -14.83 -5.22
C SER A 111 18.57 -15.95 -4.34
N GLY A 112 17.28 -15.87 -3.98
CA GLY A 112 16.69 -16.78 -3.01
C GLY A 112 16.33 -16.13 -1.70
N GLN A 113 16.58 -14.83 -1.57
CA GLN A 113 16.13 -14.00 -0.46
C GLN A 113 15.03 -13.09 -0.99
N HIS A 114 14.01 -12.82 -0.16
CA HIS A 114 12.76 -12.25 -0.64
C HIS A 114 12.40 -10.99 0.10
N SER A 115 11.77 -10.06 -0.64
CA SER A 115 11.25 -8.85 -0.04
C SER A 115 10.15 -9.20 0.94
N ASN A 116 9.87 -8.26 1.85
CA ASN A 116 8.70 -8.41 2.69
C ASN A 116 7.45 -8.50 1.83
N LEU A 117 7.47 -7.85 0.66
CA LEU A 117 6.28 -7.74 -0.17
C LEU A 117 6.00 -9.05 -0.85
N LEU A 118 7.02 -9.62 -1.48
CA LEU A 118 6.92 -10.87 -2.15
C LEU A 118 7.23 -12.06 -1.26
N ARG A 119 7.11 -11.92 0.05
CA ARG A 119 7.37 -13.07 0.92
C ARG A 119 6.17 -14.02 0.90
N PRO A 120 6.41 -15.31 0.72
CA PRO A 120 5.27 -16.24 0.81
C PRO A 120 4.63 -16.24 2.18
N VAL A 121 3.33 -16.43 2.15
CA VAL A 121 2.57 -16.58 3.38
C VAL A 121 2.71 -17.99 3.90
N SER A 122 2.38 -18.97 3.05
CA SER A 122 2.37 -20.36 3.44
C SER A 122 3.80 -20.84 3.72
N ASP A 123 3.89 -22.02 4.33
CA ASP A 123 5.11 -22.80 4.24
C ASP A 123 4.99 -23.93 3.23
N LYS A 124 3.78 -24.35 2.90
CA LYS A 124 3.55 -25.14 1.69
C LYS A 124 3.76 -24.20 0.51
N VAL A 125 5.02 -24.05 0.07
CA VAL A 125 5.33 -23.14 -1.03
C VAL A 125 6.03 -23.89 -2.14
N LEU A 126 5.85 -23.40 -3.35
CA LEU A 126 6.50 -23.88 -4.56
C LEU A 126 6.80 -22.63 -5.37
N PHE A 127 7.92 -22.65 -6.10
CA PHE A 127 8.54 -21.42 -6.57
C PHE A 127 8.72 -21.46 -8.07
N VAL A 128 8.51 -20.32 -8.74
CA VAL A 128 8.59 -20.28 -10.19
C VAL A 128 9.20 -18.96 -10.63
N GLU A 129 9.76 -18.99 -11.83
CA GLU A 129 10.54 -17.86 -12.34
C GLU A 129 9.65 -16.77 -12.88
N ASN A 130 8.47 -17.09 -13.36
CA ASN A 130 7.68 -16.09 -14.03
C ASN A 130 6.21 -16.40 -13.84
N PHE A 131 5.36 -15.53 -14.38
CA PHE A 131 3.95 -15.64 -14.08
C PHE A 131 3.27 -16.65 -14.98
N ASP A 132 3.74 -16.84 -16.22
CA ASP A 132 3.14 -17.88 -17.03
C ASP A 132 3.30 -19.22 -16.33
N ASP A 133 4.52 -19.50 -15.84
CA ASP A 133 4.73 -20.77 -15.12
C ASP A 133 3.79 -20.86 -13.92
N MET A 134 3.89 -19.90 -13.00
CA MET A 134 2.96 -19.82 -11.89
C MET A 134 1.53 -20.18 -12.26
N LEU A 135 0.98 -19.52 -13.29
CA LEU A 135 -0.42 -19.76 -13.65
C LEU A 135 -0.62 -21.18 -14.16
N ARG A 136 0.39 -21.77 -14.81
CA ARG A 136 0.27 -23.17 -15.24
C ARG A 136 0.03 -24.11 -14.06
N LEU A 137 0.67 -23.89 -12.92
CA LEU A 137 0.46 -24.82 -11.82
C LEU A 137 -0.85 -24.53 -11.10
N VAL A 138 -1.18 -23.26 -10.94
CA VAL A 138 -2.48 -22.91 -10.38
C VAL A 138 -3.59 -23.52 -11.24
N GLU A 139 -3.52 -23.30 -12.56
CA GLU A 139 -4.51 -23.84 -13.47
C GLU A 139 -4.64 -25.36 -13.37
N ALA A 140 -3.59 -26.05 -12.92
CA ALA A 140 -3.64 -27.50 -12.86
C ALA A 140 -4.16 -28.03 -11.52
N GLY A 141 -4.25 -27.17 -10.52
CA GLY A 141 -4.78 -27.52 -9.22
C GLY A 141 -3.73 -27.56 -8.15
N VAL A 142 -2.50 -27.18 -8.48
CA VAL A 142 -1.41 -27.43 -7.56
C VAL A 142 -1.35 -26.51 -6.37
N GLY A 143 -1.75 -25.26 -6.53
CA GLY A 143 -1.82 -24.34 -5.41
C GLY A 143 -2.49 -23.04 -5.80
N TRP A 144 -2.36 -22.05 -4.94
CA TRP A 144 -2.91 -20.72 -5.20
C TRP A 144 -1.75 -19.76 -5.47
N GLY A 145 -2.07 -18.57 -6.01
CA GLY A 145 -1.01 -17.63 -6.36
C GLY A 145 -1.52 -16.21 -6.36
N ILE A 146 -0.59 -15.27 -6.41
CA ILE A 146 -0.85 -13.84 -6.43
C ILE A 146 -0.34 -13.31 -7.76
N ALA A 147 -1.26 -12.90 -8.63
CA ALA A 147 -0.85 -12.49 -9.97
C ALA A 147 -1.46 -11.17 -10.35
N PRO A 148 -0.92 -10.52 -11.38
CA PRO A 148 -1.50 -9.25 -11.81
C PRO A 148 -2.87 -9.49 -12.38
N HIS A 149 -3.69 -8.47 -12.30
CA HIS A 149 -4.95 -8.46 -13.03
C HIS A 149 -4.75 -8.88 -14.47
N TYR A 150 -3.89 -8.17 -15.19
CA TYR A 150 -3.89 -8.37 -16.63
C TYR A 150 -3.47 -9.76 -17.00
N PHE A 151 -2.77 -10.46 -16.12
CA PHE A 151 -2.39 -11.84 -16.41
C PHE A 151 -3.51 -12.84 -16.21
N VAL A 152 -4.51 -12.52 -15.36
CA VAL A 152 -5.60 -13.43 -15.10
C VAL A 152 -6.93 -12.92 -15.56
N GLU A 153 -6.97 -11.73 -16.19
CA GLU A 153 -8.22 -11.12 -16.66
C GLU A 153 -8.97 -12.15 -17.52
N GLU A 154 -8.42 -12.50 -18.67
CA GLU A 154 -9.10 -13.47 -19.53
C GLU A 154 -9.49 -14.71 -18.74
N ARG A 155 -8.53 -15.41 -18.14
CA ARG A 155 -8.88 -16.71 -17.60
C ARG A 155 -9.90 -16.64 -16.45
N LEU A 156 -10.06 -15.49 -15.79
CA LEU A 156 -11.08 -15.40 -14.74
C LEU A 156 -12.47 -15.38 -15.35
N ARG A 157 -12.65 -14.54 -16.37
CA ARG A 157 -13.89 -14.48 -17.13
C ARG A 157 -14.28 -15.88 -17.63
N ASN A 158 -13.31 -16.59 -18.17
CA ASN A 158 -13.58 -17.89 -18.76
C ASN A 158 -13.89 -18.96 -17.73
N GLY A 159 -13.84 -18.64 -16.45
CA GLY A 159 -14.00 -19.62 -15.42
C GLY A 159 -12.80 -20.53 -15.21
N THR A 160 -11.79 -20.51 -16.08
CA THR A 160 -10.68 -21.40 -15.79
C THR A 160 -9.90 -20.97 -14.55
N LEU A 161 -10.21 -19.80 -13.96
CA LEU A 161 -9.61 -19.40 -12.68
C LEU A 161 -10.67 -18.79 -11.78
N ALA A 162 -10.42 -18.87 -10.47
CA ALA A 162 -11.25 -18.28 -9.44
C ALA A 162 -10.45 -17.28 -8.62
N VAL A 163 -11.16 -16.44 -7.87
CA VAL A 163 -10.56 -15.35 -7.12
C VAL A 163 -10.93 -15.49 -5.68
N LEU A 164 -9.94 -15.39 -4.79
CA LEU A 164 -10.18 -15.62 -3.39
C LEU A 164 -10.16 -14.37 -2.57
N SER A 165 -9.77 -13.28 -3.19
CA SER A 165 -9.53 -12.05 -2.48
C SER A 165 -10.66 -11.03 -2.61
N GLU A 166 -11.80 -11.35 -3.25
CA GLU A 166 -12.79 -10.28 -3.45
C GLU A 166 -13.41 -9.83 -2.14
N LEU A 167 -13.55 -10.73 -1.15
CA LEU A 167 -13.93 -10.23 0.18
C LEU A 167 -12.81 -9.39 0.79
N TYR A 168 -11.57 -9.82 0.66
CA TYR A 168 -10.46 -9.06 1.23
C TYR A 168 -10.43 -7.65 0.67
N GLU A 169 -10.39 -7.52 -0.65
CA GLU A 169 -10.32 -6.18 -1.23
C GLU A 169 -11.09 -6.21 -2.52
N PRO A 170 -12.40 -6.01 -2.49
CA PRO A 170 -13.22 -6.12 -3.72
C PRO A 170 -12.58 -5.27 -4.80
N GLY A 171 -12.34 -5.89 -5.99
CA GLY A 171 -11.76 -5.12 -7.09
C GLY A 171 -10.25 -5.35 -7.31
N GLY A 172 -9.54 -5.75 -6.29
CA GLY A 172 -8.15 -6.12 -6.45
C GLY A 172 -7.28 -5.56 -5.35
N ILE A 173 -6.24 -6.29 -5.01
CA ILE A 173 -5.27 -5.84 -4.04
C ILE A 173 -4.50 -4.68 -4.63
N ASP A 174 -4.81 -3.46 -4.21
CA ASP A 174 -4.21 -2.29 -4.81
C ASP A 174 -2.74 -2.28 -4.46
N THR A 175 -1.86 -2.29 -5.45
CA THR A 175 -0.42 -2.39 -5.23
C THR A 175 0.28 -1.16 -5.79
N LYS A 176 0.93 -0.37 -4.94
CA LYS A 176 1.57 0.82 -5.48
C LYS A 176 2.64 0.42 -6.50
N VAL A 177 2.86 1.29 -7.49
CA VAL A 177 3.90 1.08 -8.49
C VAL A 177 4.94 2.17 -8.27
N TYR A 178 6.14 1.78 -7.83
CA TYR A 178 7.14 2.77 -7.43
C TYR A 178 8.01 3.08 -8.64
N CYS A 179 8.49 4.31 -8.74
CA CYS A 179 9.47 4.67 -9.75
C CYS A 179 10.76 5.02 -9.02
N TYR A 180 11.76 4.17 -9.17
CA TYR A 180 13.10 4.41 -8.66
C TYR A 180 13.93 5.09 -9.73
N TYR A 181 14.45 6.27 -9.44
CA TYR A 181 15.27 6.96 -10.42
C TYR A 181 16.66 7.23 -9.88
N ASN A 182 17.61 7.36 -10.81
CA ASN A 182 18.98 7.68 -10.46
C ASN A 182 19.06 9.07 -9.87
N THR A 183 20.15 9.31 -9.15
CA THR A 183 20.46 10.65 -8.66
C THR A 183 20.64 11.63 -9.81
N ALA A 184 21.30 11.19 -10.87
CA ALA A 184 21.49 12.04 -12.04
C ALA A 184 20.20 12.73 -12.46
N LEU A 185 19.08 12.01 -12.38
CA LEU A 185 17.83 12.52 -12.92
C LEU A 185 17.15 13.53 -12.01
N GLU A 186 17.46 13.53 -10.72
CA GLU A 186 16.93 14.53 -9.81
C GLU A 186 16.81 15.90 -10.45
N SER A 187 17.93 16.35 -11.02
CA SER A 187 18.09 17.72 -11.50
C SER A 187 17.36 17.95 -12.81
N GLU A 188 17.35 16.92 -13.67
CA GLU A 188 16.81 16.95 -15.02
C GLU A 188 15.36 17.41 -15.08
N ARG A 189 15.10 18.46 -15.86
CA ARG A 189 13.72 18.91 -16.04
C ARG A 189 12.93 17.88 -16.84
N SER A 190 13.60 17.16 -17.73
CA SER A 190 12.87 16.19 -18.55
C SER A 190 12.29 15.09 -17.68
N PHE A 191 13.09 14.58 -16.74
CA PHE A 191 12.57 13.57 -15.82
C PHE A 191 11.39 14.12 -15.02
N LEU A 192 11.42 15.39 -14.65
CA LEU A 192 10.29 15.93 -13.91
C LEU A 192 9.09 16.10 -14.81
N ARG A 193 9.32 16.45 -16.09
CA ARG A 193 8.21 16.54 -17.03
C ARG A 193 7.62 15.17 -17.25
N PHE A 194 8.50 14.14 -17.27
CA PHE A 194 8.07 12.77 -17.44
C PHE A 194 7.23 12.29 -16.26
N LEU A 195 7.60 12.69 -15.03
CA LEU A 195 6.81 12.28 -13.88
C LEU A 195 5.41 12.87 -13.99
N GLU A 196 5.35 14.17 -14.29
CA GLU A 196 4.08 14.87 -14.40
C GLU A 196 3.15 14.17 -15.40
N SER A 197 3.64 13.92 -16.60
CA SER A 197 2.76 13.43 -17.67
C SER A 197 2.38 11.98 -17.40
N ALA A 198 3.38 11.14 -17.12
CA ALA A 198 3.05 9.76 -16.84
C ALA A 198 2.02 9.66 -15.73
N ARG A 199 2.24 10.38 -14.62
CA ARG A 199 1.30 10.27 -13.52
C ARG A 199 -0.09 10.62 -13.99
N GLN A 200 -0.17 11.66 -14.82
CA GLN A 200 -1.47 12.18 -15.21
C GLN A 200 -2.17 11.22 -16.14
N ARG A 201 -1.44 10.60 -17.07
CA ARG A 201 -2.02 9.63 -17.99
C ARG A 201 -2.32 8.30 -17.30
N LEU A 202 -1.45 7.87 -16.41
CA LEU A 202 -1.74 6.64 -15.68
C LEU A 202 -2.99 6.85 -14.83
N ARG A 203 -3.17 8.05 -14.32
CA ARG A 203 -4.37 8.39 -13.58
C ARG A 203 -5.60 8.28 -14.45
N GLU A 204 -5.51 8.83 -15.68
CA GLU A 204 -6.64 8.80 -16.61
C GLU A 204 -6.95 7.36 -16.98
N LEU A 205 -5.93 6.61 -17.31
CA LEU A 205 -6.12 5.23 -17.69
C LEU A 205 -6.73 4.40 -16.58
N GLY A 206 -6.50 4.76 -15.33
CA GLY A 206 -6.80 3.87 -14.24
C GLY A 206 -8.21 4.15 -13.78
N ARG A 207 -8.50 5.45 -13.67
CA ARG A 207 -9.88 5.87 -13.40
C ARG A 207 -10.83 5.47 -14.53
N GLN A 208 -10.31 5.24 -15.73
CA GLN A 208 -11.11 4.96 -16.91
C GLN A 208 -11.74 3.59 -16.91
N ARG A 209 -11.34 2.72 -16.00
CA ARG A 209 -11.97 1.41 -15.92
C ARG A 209 -13.40 1.48 -15.40
N PHE A 210 -13.77 2.56 -14.71
CA PHE A 210 -15.08 2.71 -14.09
C PHE A 210 -16.16 3.26 -15.02
N ASP A 211 -15.80 3.60 -16.26
CA ASP A 211 -16.78 3.85 -17.32
C ASP A 211 -17.57 2.56 -17.59
N ARG B 3 -24.24 -9.03 21.14
CA ARG B 3 -24.80 -8.00 21.97
C ARG B 3 -24.06 -6.68 21.79
N ASN B 4 -22.94 -6.53 22.48
CA ASN B 4 -22.15 -5.29 22.49
C ASN B 4 -20.99 -5.44 21.50
N LEU B 5 -21.14 -4.79 20.35
CA LEU B 5 -20.14 -4.80 19.31
C LEU B 5 -19.09 -3.77 19.67
N ARG B 6 -17.89 -4.22 20.03
CA ARG B 6 -16.82 -3.32 20.43
C ARG B 6 -15.96 -3.05 19.21
N VAL B 7 -16.07 -1.82 18.69
CA VAL B 7 -15.35 -1.40 17.50
C VAL B 7 -14.24 -0.46 17.94
N LEU B 8 -13.05 -0.65 17.40
CA LEU B 8 -11.89 0.19 17.72
C LEU B 8 -11.49 1.00 16.51
N LEU B 9 -11.13 2.27 16.70
CA LEU B 9 -10.93 3.15 15.56
C LEU B 9 -9.69 4.01 15.75
N ASP B 10 -8.61 3.77 15.01
CA ASP B 10 -7.47 4.57 15.47
C ASP B 10 -7.65 6.01 14.97
N THR B 11 -6.75 6.91 15.46
CA THR B 11 -6.88 8.34 15.23
C THR B 11 -6.38 8.80 13.87
N ALA B 12 -5.91 7.88 13.02
CA ALA B 12 -5.60 8.25 11.64
C ALA B 12 -6.84 8.16 10.73
N ILE B 13 -7.87 7.42 11.15
CA ILE B 13 -9.15 7.32 10.47
C ILE B 13 -9.78 8.69 10.53
N PRO B 14 -10.02 9.32 9.39
CA PRO B 14 -10.61 10.66 9.41
C PRO B 14 -11.97 10.64 10.06
N PRO B 15 -12.39 11.77 10.61
CA PRO B 15 -13.72 11.83 11.26
C PRO B 15 -14.85 11.42 10.35
N SER B 16 -14.89 11.97 9.12
CA SER B 16 -15.90 11.49 8.16
C SER B 16 -15.87 10.01 7.96
N PHE B 17 -14.69 9.40 8.11
CA PHE B 17 -14.58 7.94 7.95
C PHE B 17 -15.21 7.23 9.14
N CYS B 18 -14.92 7.74 10.36
CA CYS B 18 -15.50 7.18 11.57
C CYS B 18 -17.03 7.27 11.54
N ASP B 19 -17.52 8.45 11.17
CA ASP B 19 -18.96 8.71 11.19
C ASP B 19 -19.66 7.80 10.22
N THR B 20 -19.06 7.62 9.02
CA THR B 20 -19.59 6.66 8.04
C THR B 20 -19.68 5.27 8.63
N VAL B 21 -18.71 4.91 9.45
CA VAL B 21 -18.77 3.61 10.10
C VAL B 21 -19.86 3.60 11.19
N SER B 22 -19.97 4.68 11.97
CA SER B 22 -21.07 4.74 12.94
C SER B 22 -22.41 4.62 12.23
N SER B 23 -22.64 5.48 11.21
CA SER B 23 -23.96 5.51 10.58
C SER B 23 -24.35 4.16 9.98
N VAL B 24 -23.38 3.36 9.58
CA VAL B 24 -23.70 2.09 8.92
C VAL B 24 -23.90 0.99 9.95
N LEU B 25 -23.06 0.92 11.00
CA LEU B 25 -23.29 -0.06 12.06
C LEU B 25 -24.69 0.11 12.65
N LEU B 26 -25.15 1.36 12.78
CA LEU B 26 -26.44 1.64 13.41
C LEU B 26 -27.62 1.12 12.59
N ASP B 27 -27.38 0.73 11.34
CA ASP B 27 -28.45 0.20 10.50
C ASP B 27 -28.66 -1.29 10.77
N ASP B 28 -27.70 -1.97 11.42
CA ASP B 28 -27.82 -3.40 11.71
C ASP B 28 -27.44 -3.80 13.12
N PHE B 29 -27.16 -2.86 14.01
CA PHE B 29 -26.78 -3.18 15.37
C PHE B 29 -27.54 -2.29 16.34
N ASN B 30 -27.79 -2.84 17.52
CA ASN B 30 -28.52 -2.12 18.55
C ASN B 30 -27.66 -1.76 19.73
N MET B 31 -26.43 -2.27 19.83
CA MET B 31 -25.51 -1.75 20.82
C MET B 31 -24.11 -1.86 20.22
N VAL B 32 -23.35 -0.78 20.34
CA VAL B 32 -22.14 -0.55 19.56
C VAL B 32 -21.24 0.33 20.43
N SER B 33 -20.06 -0.14 20.79
CA SER B 33 -19.13 0.67 21.57
C SER B 33 -18.03 1.15 20.61
N LEU B 34 -17.70 2.43 20.66
CA LEU B 34 -16.65 2.99 19.82
C LEU B 34 -15.44 3.31 20.69
N ILE B 35 -14.29 2.71 20.40
CA ILE B 35 -13.08 2.93 21.18
C ILE B 35 -12.01 3.54 20.27
N ARG B 36 -11.43 4.66 20.69
CA ARG B 36 -10.33 5.29 19.94
C ARG B 36 -8.97 4.91 20.53
N THR B 37 -7.97 4.71 19.66
CA THR B 37 -6.59 4.53 20.11
C THR B 37 -5.63 5.07 19.06
N SER B 38 -4.42 5.48 19.48
CA SER B 38 -3.35 5.82 18.54
C SER B 38 -3.15 4.64 17.60
N PRO B 39 -2.76 4.88 16.35
CA PRO B 39 -2.43 3.76 15.46
C PRO B 39 -1.26 2.92 15.94
N ALA B 40 -0.44 3.46 16.82
CA ALA B 40 0.67 2.67 17.31
C ALA B 40 0.22 1.62 18.32
N ASP B 41 -0.99 1.75 18.88
CA ASP B 41 -1.47 0.84 19.91
C ASP B 41 -2.68 0.01 19.53
N SER B 42 -3.19 0.12 18.30
CA SER B 42 -4.42 -0.59 17.94
C SER B 42 -4.21 -2.10 17.96
N LEU B 43 -3.26 -2.58 17.18
CA LEU B 43 -3.13 -4.02 17.06
C LEU B 43 -2.81 -4.66 18.41
N ALA B 44 -1.94 -4.02 19.20
CA ALA B 44 -1.73 -4.45 20.58
C ALA B 44 -3.04 -4.53 21.35
N THR B 45 -3.80 -3.46 21.33
CA THR B 45 -5.08 -3.43 22.02
C THR B 45 -6.00 -4.59 21.65
N ILE B 46 -6.04 -5.00 20.39
CA ILE B 46 -7.01 -6.06 20.10
C ILE B 46 -6.45 -7.40 20.53
N LYS B 47 -5.12 -7.52 20.50
CA LYS B 47 -4.46 -8.79 20.79
C LYS B 47 -4.54 -9.14 22.26
N GLN B 48 -4.56 -8.15 23.14
CA GLN B 48 -4.93 -8.43 24.52
C GLN B 48 -6.22 -9.24 24.47
N ASP B 49 -6.27 -10.32 25.23
CA ASP B 49 -7.40 -11.22 25.08
C ASP B 49 -8.66 -10.60 25.65
N ASN B 50 -8.55 -10.07 26.86
CA ASN B 50 -9.71 -9.44 27.47
C ASN B 50 -9.68 -7.96 27.11
N ALA B 51 -9.86 -7.73 25.82
CA ALA B 51 -10.43 -6.49 25.33
C ALA B 51 -11.69 -6.75 24.54
N GLU B 52 -12.11 -8.02 24.40
CA GLU B 52 -13.34 -8.35 23.73
C GLU B 52 -13.59 -7.50 22.50
N ILE B 53 -12.54 -7.10 21.80
CA ILE B 53 -12.74 -6.21 20.66
C ILE B 53 -13.17 -7.05 19.47
N ASP B 54 -14.33 -6.72 18.93
CA ASP B 54 -14.91 -7.47 17.84
C ASP B 54 -14.36 -6.99 16.52
N ILE B 55 -14.15 -5.68 16.37
CA ILE B 55 -13.71 -5.12 15.09
C ILE B 55 -12.66 -4.07 15.36
N ALA B 56 -11.63 -3.99 14.53
CA ALA B 56 -10.70 -2.89 14.66
C ALA B 56 -10.45 -2.27 13.28
N ILE B 57 -10.57 -0.94 13.21
CA ILE B 57 -10.43 -0.19 11.97
C ILE B 57 -9.16 0.60 12.10
N THR B 58 -8.11 0.30 11.32
CA THR B 58 -6.83 0.94 11.64
C THR B 58 -5.90 0.89 10.45
N ILE B 59 -4.94 1.84 10.39
CA ILE B 59 -4.05 1.78 9.24
C ILE B 59 -2.86 0.83 9.42
N ASP B 60 -2.62 0.34 10.64
CA ASP B 60 -1.47 -0.51 10.92
C ASP B 60 -1.71 -1.88 10.36
N GLU B 61 -0.63 -2.55 9.91
CA GLU B 61 -0.79 -3.83 9.21
C GLU B 61 -0.01 -4.96 9.86
N GLU B 62 -0.65 -6.11 9.93
CA GLU B 62 -0.03 -7.40 10.19
C GLU B 62 -0.75 -8.37 9.28
N LEU B 63 -0.10 -9.51 8.99
CA LEU B 63 -0.72 -10.53 8.16
C LEU B 63 -1.74 -11.35 8.93
N LYS B 64 -1.25 -12.05 9.96
CA LYS B 64 -2.00 -13.02 10.72
C LYS B 64 -2.09 -12.49 12.12
N ILE B 65 -3.31 -12.32 12.62
CA ILE B 65 -3.54 -12.08 14.03
C ILE B 65 -4.41 -13.21 14.55
N SER B 66 -4.12 -13.59 15.78
CA SER B 66 -4.70 -14.76 16.42
C SER B 66 -6.09 -15.09 15.95
N ARG B 67 -7.03 -14.24 16.31
CA ARG B 67 -8.45 -14.59 16.30
C ARG B 67 -9.21 -13.79 15.27
N PHE B 68 -8.49 -13.28 14.27
CA PHE B 68 -8.95 -12.11 13.52
C PHE B 68 -8.75 -12.35 12.05
N ASN B 69 -9.84 -12.29 11.31
CA ASN B 69 -9.77 -12.09 9.87
C ASN B 69 -9.30 -10.67 9.57
N GLN B 70 -8.97 -10.44 8.31
CA GLN B 70 -8.43 -9.17 7.84
C GLN B 70 -9.18 -8.82 6.57
N CYS B 71 -9.26 -7.53 6.31
CA CYS B 71 -9.98 -7.13 5.10
C CYS B 71 -9.68 -5.68 4.87
N VAL B 72 -9.71 -5.23 3.63
CA VAL B 72 -9.36 -3.85 3.33
C VAL B 72 -10.63 -3.07 3.18
N LEU B 73 -10.82 -2.07 4.03
CA LEU B 73 -12.08 -1.34 4.11
C LEU B 73 -12.09 -0.07 3.30
N GLY B 74 -10.95 0.57 3.16
CA GLY B 74 -10.89 1.78 2.37
C GLY B 74 -9.47 2.29 2.35
N TYR B 75 -9.35 3.59 2.10
CA TYR B 75 -8.06 4.20 1.82
C TYR B 75 -8.12 5.59 2.41
N THR B 76 -6.95 6.12 2.74
CA THR B 76 -6.86 7.44 3.31
C THR B 76 -5.48 7.94 2.93
N LYS B 77 -5.24 9.22 3.24
CA LYS B 77 -4.16 10.01 2.63
C LYS B 77 -3.37 10.69 3.74
N ALA B 78 -2.04 10.58 3.68
CA ALA B 78 -1.22 11.10 4.76
C ALA B 78 0.02 11.78 4.20
N PHE B 79 0.45 12.84 4.89
CA PHE B 79 1.48 13.75 4.40
C PHE B 79 2.69 13.82 5.31
N VAL B 80 3.86 13.87 4.70
CA VAL B 80 5.06 14.26 5.44
C VAL B 80 5.03 15.76 5.53
N VAL B 81 4.94 16.30 6.76
CA VAL B 81 4.90 17.74 6.97
C VAL B 81 6.10 18.22 7.81
N ALA B 82 6.31 19.54 7.79
CA ALA B 82 7.46 20.23 8.35
C ALA B 82 7.14 21.71 8.39
N HIS B 83 7.65 22.42 9.41
CA HIS B 83 7.54 23.88 9.42
C HIS B 83 8.05 24.41 8.07
N PRO B 84 7.48 25.50 7.53
CA PRO B 84 7.91 25.94 6.18
C PRO B 84 9.37 26.32 6.08
N GLN B 85 9.92 26.94 7.09
CA GLN B 85 11.33 27.27 7.00
C GLN B 85 12.23 26.11 7.37
N HIS B 86 11.71 24.91 7.56
CA HIS B 86 12.60 23.79 7.84
C HIS B 86 13.57 23.66 6.70
N PRO B 87 14.82 23.25 6.98
CA PRO B 87 15.79 23.02 5.90
C PRO B 87 15.23 22.26 4.72
N LEU B 88 14.53 21.16 5.00
CA LEU B 88 14.07 20.27 3.96
C LEU B 88 13.22 21.02 2.95
N CYS B 89 12.37 21.94 3.42
CA CYS B 89 11.47 22.60 2.49
C CYS B 89 12.18 23.24 1.32
N ASN B 90 13.39 23.75 1.55
CA ASN B 90 14.05 24.62 0.58
C ASN B 90 14.60 23.83 -0.59
N ALA B 91 15.36 22.78 -0.31
CA ALA B 91 15.68 21.82 -1.35
C ALA B 91 14.40 21.14 -1.85
N SER B 92 14.55 20.23 -2.79
CA SER B 92 13.51 19.30 -3.16
C SER B 92 13.92 17.92 -2.66
N LEU B 93 12.96 17.16 -2.14
CA LEU B 93 13.24 15.88 -1.52
C LEU B 93 12.90 14.75 -2.47
N HIS B 94 13.93 14.02 -2.89
CA HIS B 94 13.79 12.87 -3.77
C HIS B 94 14.05 11.55 -3.06
N SER B 95 14.60 11.56 -1.84
CA SER B 95 14.81 10.30 -1.16
C SER B 95 14.55 10.38 0.34
N ILE B 96 14.21 9.21 0.87
CA ILE B 96 14.05 9.05 2.30
C ILE B 96 15.34 9.18 3.06
N ALA B 97 16.49 9.21 2.37
CA ALA B 97 17.77 9.42 3.03
C ALA B 97 18.06 10.88 3.33
N SER B 98 17.46 11.80 2.58
CA SER B 98 17.48 13.19 3.02
C SER B 98 16.64 13.41 4.27
N LEU B 99 15.66 12.53 4.52
CA LEU B 99 14.74 12.70 5.64
C LEU B 99 15.32 12.13 6.92
N ALA B 100 15.97 10.96 6.82
CA ALA B 100 16.55 10.29 7.99
C ALA B 100 17.69 11.09 8.62
N ASN B 101 18.15 12.15 7.95
CA ASN B 101 19.21 13.00 8.46
C ASN B 101 18.68 14.15 9.30
N TYR B 102 17.38 14.31 9.37
CA TYR B 102 16.80 15.26 10.31
C TYR B 102 15.95 14.52 11.32
N ARG B 103 15.52 15.27 12.31
CA ARG B 103 14.82 14.70 13.45
C ARG B 103 13.37 14.44 13.07
N GLN B 104 12.85 13.29 13.49
CA GLN B 104 11.48 12.89 13.17
C GLN B 104 10.61 12.92 14.42
N ILE B 105 9.43 13.54 14.32
CA ILE B 105 8.44 13.59 15.40
C ILE B 105 7.46 12.46 15.11
N SER B 106 7.64 11.34 15.81
CA SER B 106 6.90 10.13 15.52
C SER B 106 5.93 9.75 16.64
N LEU B 107 4.89 8.99 16.28
CA LEU B 107 4.04 8.40 17.29
C LEU B 107 4.80 7.31 18.04
N GLY B 108 4.84 7.42 19.34
CA GLY B 108 5.50 6.42 20.15
C GLY B 108 4.52 5.37 20.54
N SER B 109 5.03 4.21 20.90
CA SER B 109 4.17 3.08 21.24
C SER B 109 4.00 3.02 22.74
N ARG B 110 2.82 2.57 23.16
CA ARG B 110 2.57 2.22 24.56
C ARG B 110 3.66 1.28 25.10
N SER B 111 4.07 0.31 24.28
CA SER B 111 5.22 -0.53 24.60
C SER B 111 6.52 0.16 24.21
N GLY B 112 6.87 0.07 22.94
CA GLY B 112 8.12 0.56 22.44
C GLY B 112 8.41 -0.12 21.13
N GLN B 113 7.76 -1.26 20.89
CA GLN B 113 7.84 -1.93 19.60
C GLN B 113 6.80 -1.29 18.66
N HIS B 114 7.15 -1.27 17.36
CA HIS B 114 6.43 -0.54 16.33
C HIS B 114 6.29 -1.44 15.10
N SER B 115 5.13 -1.39 14.43
CA SER B 115 5.00 -2.10 13.17
C SER B 115 5.92 -1.49 12.12
N ASN B 116 6.07 -2.21 11.01
CA ASN B 116 6.89 -1.71 9.90
C ASN B 116 6.40 -0.36 9.44
N LEU B 117 5.11 -0.14 9.56
CA LEU B 117 4.49 1.02 8.96
C LEU B 117 4.74 2.24 9.82
N LEU B 118 4.61 2.07 11.12
CA LEU B 118 4.73 3.17 12.06
C LEU B 118 6.08 3.24 12.74
N ARG B 119 7.03 2.53 12.26
CA ARG B 119 8.35 2.57 12.86
C ARG B 119 9.11 3.75 12.30
N PRO B 120 9.77 4.55 13.14
CA PRO B 120 10.40 5.77 12.63
C PRO B 120 11.45 5.46 11.59
N VAL B 121 11.90 6.52 10.94
CA VAL B 121 12.83 6.45 9.82
C VAL B 121 14.19 6.78 10.36
N SER B 122 14.32 7.98 10.92
CA SER B 122 15.59 8.43 11.47
C SER B 122 15.97 7.60 12.70
N ASP B 123 17.27 7.62 13.02
CA ASP B 123 17.69 7.33 14.39
C ASP B 123 17.57 8.60 15.25
N LYS B 124 17.39 9.76 14.61
CA LYS B 124 17.07 11.02 15.27
C LYS B 124 15.56 11.13 15.40
N VAL B 125 15.01 10.58 16.51
CA VAL B 125 13.56 10.48 16.70
C VAL B 125 13.13 11.16 17.99
N LEU B 126 11.89 11.64 17.99
CA LEU B 126 11.26 12.22 19.18
C LEU B 126 9.83 11.70 19.24
N PHE B 127 9.52 10.89 20.26
CA PHE B 127 8.27 10.16 20.31
C PHE B 127 7.19 11.02 20.96
N VAL B 128 5.93 10.85 20.52
CA VAL B 128 4.79 11.53 21.12
C VAL B 128 3.64 10.55 21.20
N GLU B 129 2.55 10.97 21.83
CA GLU B 129 1.43 10.07 22.05
C GLU B 129 0.23 10.39 21.17
N ASN B 130 0.14 11.58 20.61
CA ASN B 130 -0.92 11.82 19.65
C ASN B 130 -0.48 12.79 18.58
N PHE B 131 -1.33 12.90 17.57
CA PHE B 131 -1.05 13.81 16.48
C PHE B 131 -1.06 15.24 16.96
N ASP B 132 -1.99 15.60 17.84
CA ASP B 132 -1.99 16.96 18.39
C ASP B 132 -0.57 17.38 18.78
N ASP B 133 0.08 16.57 19.61
CA ASP B 133 1.44 16.86 20.06
C ASP B 133 2.43 16.89 18.90
N MET B 134 2.52 15.80 18.15
CA MET B 134 3.38 15.74 16.99
C MET B 134 3.38 17.02 16.15
N LEU B 135 2.25 17.72 16.09
CA LEU B 135 2.20 18.90 15.23
C LEU B 135 2.56 20.17 15.97
N ARG B 136 2.30 20.24 17.26
CA ARG B 136 2.84 21.36 18.00
C ARG B 136 4.34 21.47 17.77
N LEU B 137 5.03 20.35 17.87
CA LEU B 137 6.46 20.36 17.63
C LEU B 137 6.79 20.76 16.21
N VAL B 138 6.10 20.13 15.25
CA VAL B 138 6.56 20.31 13.88
C VAL B 138 6.39 21.76 13.45
N GLU B 139 5.36 22.42 13.96
CA GLU B 139 5.24 23.86 13.80
C GLU B 139 6.44 24.55 14.42
N ALA B 140 6.65 24.33 15.72
CA ALA B 140 7.74 25.02 16.42
C ALA B 140 9.07 24.87 15.69
N GLY B 141 9.19 23.93 14.75
CA GLY B 141 10.38 23.77 13.96
C GLY B 141 11.21 22.58 14.35
N VAL B 142 10.68 21.73 15.21
CA VAL B 142 11.50 20.77 15.92
C VAL B 142 11.86 19.59 15.04
N GLY B 143 10.91 19.14 14.22
CA GLY B 143 11.11 18.03 13.33
C GLY B 143 10.11 18.05 12.19
N TRP B 144 10.15 16.98 11.38
CA TRP B 144 9.16 16.63 10.37
C TRP B 144 8.42 15.40 10.87
N GLY B 145 7.19 15.20 10.37
CA GLY B 145 6.47 14.00 10.73
C GLY B 145 5.46 13.68 9.65
N ILE B 146 4.78 12.54 9.84
CA ILE B 146 3.70 12.06 8.96
C ILE B 146 2.38 12.19 9.70
N ALA B 147 1.41 12.82 9.06
CA ALA B 147 0.17 13.11 9.76
C ALA B 147 -0.98 12.76 8.88
N PRO B 148 -2.11 12.30 9.44
CA PRO B 148 -3.31 12.07 8.65
C PRO B 148 -3.63 13.30 7.84
N HIS B 149 -4.34 13.19 6.72
CA HIS B 149 -4.58 14.38 5.92
C HIS B 149 -5.42 15.40 6.69
N TYR B 150 -6.53 14.95 7.29
CA TYR B 150 -7.39 15.90 8.00
C TYR B 150 -6.64 16.66 9.10
N PHE B 151 -5.67 16.02 9.72
CA PHE B 151 -4.99 16.71 10.81
C PHE B 151 -4.20 17.92 10.35
N VAL B 152 -3.89 18.03 9.07
CA VAL B 152 -3.04 19.10 8.57
C VAL B 152 -3.70 19.92 7.48
N GLU B 153 -4.93 19.57 7.07
CA GLU B 153 -5.59 20.32 6.01
C GLU B 153 -5.48 21.82 6.25
N GLU B 154 -6.07 22.32 7.34
CA GLU B 154 -6.21 23.76 7.50
C GLU B 154 -4.87 24.46 7.64
N ARG B 155 -3.92 23.87 8.36
CA ARG B 155 -2.63 24.53 8.54
C ARG B 155 -1.73 24.48 7.31
N LEU B 156 -2.03 23.62 6.35
CA LEU B 156 -1.29 23.73 5.09
C LEU B 156 -1.83 24.92 4.30
N ARG B 157 -3.07 25.33 4.57
CA ARG B 157 -3.65 26.53 3.97
C ARG B 157 -3.19 27.77 4.70
N ASN B 158 -3.15 27.72 6.04
CA ASN B 158 -2.55 28.80 6.80
C ASN B 158 -1.16 29.16 6.30
N GLY B 159 -0.46 28.19 5.73
CA GLY B 159 0.97 28.32 5.58
C GLY B 159 1.74 28.03 6.84
N THR B 160 1.06 27.78 7.95
CA THR B 160 1.71 27.27 9.15
C THR B 160 2.67 26.12 8.85
N LEU B 161 2.45 25.40 7.75
CA LEU B 161 2.90 24.02 7.63
C LEU B 161 3.08 23.68 6.16
N ALA B 162 4.11 22.89 5.87
CA ALA B 162 4.55 22.59 4.52
C ALA B 162 4.54 21.09 4.31
N VAL B 163 4.56 20.67 3.05
CA VAL B 163 4.48 19.26 2.68
C VAL B 163 5.80 18.86 2.06
N LEU B 164 6.27 17.68 2.38
CA LEU B 164 7.47 17.15 1.73
C LEU B 164 7.19 15.92 0.88
N SER B 165 5.96 15.42 0.90
CA SER B 165 5.60 14.18 0.26
C SER B 165 5.11 14.39 -1.17
N GLU B 166 4.92 15.64 -1.60
CA GLU B 166 4.12 15.88 -2.81
C GLU B 166 4.80 15.35 -4.07
N LEU B 167 6.13 15.41 -4.15
CA LEU B 167 6.79 14.68 -5.23
C LEU B 167 6.85 13.18 -4.95
N TYR B 168 6.93 12.74 -3.69
CA TYR B 168 6.90 11.29 -3.46
C TYR B 168 5.59 10.73 -4.01
N GLU B 169 4.47 11.26 -3.52
CA GLU B 169 3.14 10.73 -3.88
C GLU B 169 2.14 11.87 -3.80
N PRO B 170 1.92 12.55 -4.91
CA PRO B 170 0.98 13.69 -4.95
C PRO B 170 -0.41 13.33 -4.49
N GLY B 171 -1.03 14.25 -3.77
CA GLY B 171 -2.35 14.02 -3.21
C GLY B 171 -2.27 13.32 -1.90
N GLY B 172 -1.27 12.50 -1.72
CA GLY B 172 -0.83 12.18 -0.41
C GLY B 172 -0.42 10.75 -0.43
N ILE B 173 0.23 10.31 0.64
CA ILE B 173 0.72 8.94 0.73
C ILE B 173 -0.50 8.04 0.93
N ASP B 174 -0.86 7.27 -0.09
CA ASP B 174 -2.09 6.51 0.00
C ASP B 174 -1.91 5.42 1.05
N THR B 175 -2.85 5.35 1.98
CA THR B 175 -2.75 4.48 3.14
C THR B 175 -3.98 3.61 3.26
N LYS B 176 -3.80 2.31 3.31
CA LYS B 176 -4.97 1.44 3.34
C LYS B 176 -5.50 1.44 4.76
N VAL B 177 -6.83 1.33 4.89
CA VAL B 177 -7.48 1.23 6.18
C VAL B 177 -7.98 -0.19 6.32
N TYR B 178 -7.40 -0.95 7.27
CA TYR B 178 -7.78 -2.35 7.32
C TYR B 178 -8.92 -2.51 8.31
N CYS B 179 -9.68 -3.58 8.17
CA CYS B 179 -10.72 -3.89 9.14
C CYS B 179 -10.40 -5.28 9.63
N TYR B 180 -9.99 -5.41 10.88
CA TYR B 180 -9.73 -6.74 11.45
C TYR B 180 -10.97 -7.14 12.19
N TYR B 181 -11.51 -8.31 11.92
CA TYR B 181 -12.76 -8.69 12.55
C TYR B 181 -12.65 -10.07 13.15
N ASN B 182 -13.01 -10.19 14.43
CA ASN B 182 -13.19 -11.45 15.10
C ASN B 182 -13.84 -12.42 14.12
N THR B 183 -13.51 -13.70 14.25
CA THR B 183 -14.05 -14.72 13.35
C THR B 183 -15.50 -15.06 13.68
N ALA B 184 -16.00 -14.68 14.85
CA ALA B 184 -17.42 -14.84 15.09
C ALA B 184 -18.25 -14.07 14.08
N LEU B 185 -17.69 -13.05 13.46
CA LEU B 185 -18.44 -12.14 12.60
C LEU B 185 -18.55 -12.61 11.15
N GLU B 186 -17.81 -13.64 10.75
CA GLU B 186 -17.74 -13.99 9.32
C GLU B 186 -19.08 -14.52 8.80
N SER B 187 -19.85 -15.14 9.68
CA SER B 187 -21.14 -15.68 9.28
C SER B 187 -22.17 -14.58 9.12
N GLU B 188 -22.15 -13.61 10.03
CA GLU B 188 -23.33 -12.82 10.30
C GLU B 188 -23.61 -11.85 9.17
N ARG B 189 -24.84 -11.94 8.63
CA ARG B 189 -25.30 -11.00 7.61
C ARG B 189 -25.07 -9.55 8.00
N SER B 190 -25.36 -9.21 9.25
CA SER B 190 -25.12 -7.86 9.74
C SER B 190 -23.74 -7.36 9.34
N PHE B 191 -22.70 -8.14 9.67
CA PHE B 191 -21.34 -7.72 9.38
C PHE B 191 -21.15 -7.52 7.89
N LEU B 192 -21.53 -8.53 7.09
CA LEU B 192 -21.24 -8.46 5.67
C LEU B 192 -21.97 -7.33 4.99
N ARG B 193 -23.12 -6.89 5.53
CA ARG B 193 -23.74 -5.73 4.90
C ARG B 193 -23.12 -4.44 5.43
N PHE B 194 -22.67 -4.43 6.67
CA PHE B 194 -21.79 -3.34 7.10
C PHE B 194 -20.65 -3.14 6.09
N LEU B 195 -19.83 -4.16 5.88
CA LEU B 195 -18.75 -4.06 4.90
C LEU B 195 -19.24 -3.51 3.56
N GLU B 196 -20.30 -4.10 3.03
CA GLU B 196 -20.73 -3.75 1.68
C GLU B 196 -21.12 -2.28 1.62
N SER B 197 -21.82 -1.79 2.66
CA SER B 197 -22.35 -0.43 2.66
C SER B 197 -21.30 0.59 3.10
N ALA B 198 -20.57 0.30 4.20
CA ALA B 198 -19.39 1.07 4.55
C ALA B 198 -18.48 1.25 3.36
N ARG B 199 -18.15 0.14 2.67
CA ARG B 199 -17.28 0.24 1.50
C ARG B 199 -17.88 1.15 0.46
N GLN B 200 -19.14 0.91 0.07
CA GLN B 200 -19.76 1.75 -0.95
C GLN B 200 -19.77 3.19 -0.52
N ARG B 201 -20.06 3.47 0.76
CA ARG B 201 -20.14 4.86 1.19
C ARG B 201 -18.76 5.50 1.27
N LEU B 202 -17.75 4.77 1.74
CA LEU B 202 -16.41 5.34 1.82
C LEU B 202 -15.87 5.62 0.41
N ARG B 203 -16.16 4.75 -0.54
CA ARG B 203 -15.77 4.98 -1.93
C ARG B 203 -16.41 6.25 -2.49
N GLU B 204 -17.72 6.42 -2.29
CA GLU B 204 -18.36 7.67 -2.73
C GLU B 204 -17.68 8.85 -2.06
N LEU B 205 -17.27 8.67 -0.83
CA LEU B 205 -16.73 9.77 -0.05
C LEU B 205 -15.33 10.17 -0.52
N GLY B 206 -14.54 9.22 -0.97
CA GLY B 206 -13.18 9.53 -1.37
C GLY B 206 -13.12 10.11 -2.77
N ARG B 207 -13.95 9.59 -3.68
CA ARG B 207 -13.97 10.17 -5.01
C ARG B 207 -14.52 11.59 -4.99
N GLN B 208 -15.36 11.94 -4.01
CA GLN B 208 -15.98 13.27 -3.92
C GLN B 208 -14.95 14.40 -3.84
N ARG B 209 -13.68 14.11 -3.59
CA ARG B 209 -12.70 15.18 -3.53
C ARG B 209 -12.45 15.84 -4.88
N PHE B 210 -13.01 15.31 -5.98
CA PHE B 210 -12.83 15.84 -7.33
C PHE B 210 -14.15 16.30 -7.97
#